data_7UFP
#
_entry.id   7UFP
#
_cell.length_a   126.763
_cell.length_b   44.975
_cell.length_c   98.046
_cell.angle_alpha   90.000
_cell.angle_beta   98.190
_cell.angle_gamma   90.000
#
_symmetry.space_group_name_H-M   'C 1 2 1'
#
loop_
_entity.id
_entity.type
_entity.pdbx_description
1 polymer 'Mur ligase middle domain protein'
2 non-polymer "URIDINE-5'-DIPHOSPHATE"
3 non-polymer 'SULFATE ION'
4 water water
#
_entity_poly.entity_id   1
_entity_poly.type   'polypeptide(L)'
_entity_poly.pdbx_seq_one_letter_code
;AASPAGSHMRLSELASYVSGKLIGEDKEIKVGIFNTLGDANPNDIVIRHWIDEKGVEIAKNKEVSALITQNPKGNSLEYA
KKLKVPIILVNKIELASAFAIKWTIKNFAPNTYRVVITGTNGKSTTTHMIYHILTHAGKKAFTNTDAKSEFNTLIDPMVA
KLLAEKAKKENLEYLVIEVSEVQGWLDRLMKDHAYLMTKSINPNVVVVTNVALDHIGLVNSIEEVFEETSGAVKALEKGF
AVLNYDNEFTRKMAKLTNKNVKVFFYGKNCPVTFKSGGIYVNNDLFIKKEELPFKSEYFIQNTLAAISACLCLNIPPDII
KKGILTYKPLKRRFSILCKKPLIIDDFAHNPDGIKMAIKSAKKLTKNKLWVVCAIRGSRGKIINKLNAESLSKTLKNIEN
YEVVITNSDDVVDNLNKVKKEEEKTFLKTLEKYNINYRFHKKLKTALEETLTNCKKDDTILLIGAQGMDPASKLLKKIKV
IPCS
;
_entity_poly.pdbx_strand_id   I
#
loop_
_chem_comp.id
_chem_comp.type
_chem_comp.name
_chem_comp.formula
SO4 non-polymer 'SULFATE ION' 'O4 S -2'
UDP RNA linking URIDINE-5'-DIPHOSPHATE 'C9 H14 N2 O12 P2'
#
# COMPACT_ATOMS: atom_id res chain seq x y z
N ALA A 1 -23.57 -15.05 9.53
CA ALA A 1 -22.71 -14.45 10.56
C ALA A 1 -23.48 -13.41 11.38
N ALA A 2 -23.54 -13.62 12.70
CA ALA A 2 -24.32 -12.76 13.59
C ALA A 2 -23.53 -11.49 13.91
N SER A 3 -23.98 -10.37 13.38
CA SER A 3 -23.44 -9.06 13.66
C SER A 3 -24.58 -8.17 14.13
N PRO A 4 -24.48 -7.55 15.29
CA PRO A 4 -25.59 -6.77 15.81
C PRO A 4 -25.83 -5.50 15.00
N ALA A 5 -27.10 -5.07 14.99
CA ALA A 5 -27.51 -3.85 14.33
C ALA A 5 -28.05 -2.88 15.36
N GLY A 6 -27.92 -1.59 15.07
CA GLY A 6 -28.40 -0.57 15.96
C GLY A 6 -27.28 0.12 16.72
N SER A 7 -27.65 1.14 17.48
CA SER A 7 -26.70 1.98 18.18
C SER A 7 -26.57 1.62 19.64
N HIS A 8 -27.12 0.48 20.06
CA HIS A 8 -27.03 0.04 21.44
C HIS A 8 -26.42 -1.35 21.48
N MET A 9 -25.69 -1.61 22.56
CA MET A 9 -24.94 -2.84 22.68
C MET A 9 -24.80 -3.17 24.15
N ARG A 10 -24.74 -4.46 24.45
CA ARG A 10 -24.37 -4.91 25.79
C ARG A 10 -22.85 -5.08 25.85
N LEU A 11 -22.23 -4.52 26.90
CA LEU A 11 -20.78 -4.56 27.02
C LEU A 11 -20.23 -6.00 27.00
N SER A 12 -20.89 -6.93 27.71
CA SER A 12 -20.43 -8.31 27.71
C SER A 12 -20.55 -8.94 26.34
N GLU A 13 -21.55 -8.52 25.57
CA GLU A 13 -21.68 -9.02 24.21
C GLU A 13 -20.58 -8.47 23.31
N LEU A 14 -20.32 -7.16 23.37
CA LEU A 14 -19.16 -6.59 22.69
C LEU A 14 -17.91 -7.38 23.02
N ALA A 15 -17.68 -7.65 24.31
CA ALA A 15 -16.49 -8.40 24.72
C ALA A 15 -16.44 -9.75 24.03
N SER A 16 -17.59 -10.42 23.97
CA SER A 16 -17.65 -11.71 23.29
C SER A 16 -17.36 -11.57 21.81
N TYR A 17 -17.93 -10.56 21.16
CA TYR A 17 -17.68 -10.33 19.74
C TYR A 17 -16.20 -10.09 19.41
N VAL A 18 -15.45 -9.47 20.33
CA VAL A 18 -14.04 -9.18 20.08
C VAL A 18 -13.12 -10.17 20.78
N SER A 19 -13.67 -11.27 21.31
CA SER A 19 -12.89 -12.32 21.95
C SER A 19 -12.08 -11.75 23.11
N GLY A 20 -12.74 -10.94 23.94
CA GLY A 20 -12.09 -10.30 25.08
C GLY A 20 -12.86 -10.52 26.37
N LYS A 21 -12.31 -9.96 27.43
CA LYS A 21 -12.89 -10.04 28.76
C LYS A 21 -13.28 -8.63 29.20
N LEU A 22 -14.55 -8.46 29.57
CA LEU A 22 -15.02 -7.19 30.11
C LEU A 22 -14.41 -6.99 31.49
N ILE A 23 -13.74 -5.86 31.68
CA ILE A 23 -13.28 -5.43 32.99
C ILE A 23 -14.24 -4.33 33.42
N GLY A 24 -15.12 -4.66 34.35
CA GLY A 24 -16.08 -3.70 34.84
C GLY A 24 -17.46 -4.28 34.82
N GLU A 25 -18.44 -3.42 35.09
CA GLU A 25 -19.83 -3.85 35.24
C GLU A 25 -20.49 -3.93 33.87
N ASP A 26 -21.20 -5.03 33.62
CA ASP A 26 -21.93 -5.15 32.38
C ASP A 26 -23.09 -4.15 32.38
N LYS A 27 -23.31 -3.51 31.24
CA LYS A 27 -24.43 -2.61 31.08
C LYS A 27 -24.65 -2.40 29.59
N GLU A 28 -25.83 -1.91 29.25
CA GLU A 28 -26.08 -1.53 27.87
C GLU A 28 -25.44 -0.18 27.61
N ILE A 29 -24.82 -0.04 26.45
CA ILE A 29 -24.16 1.21 26.10
C ILE A 29 -24.69 1.69 24.77
N LYS A 30 -24.75 3.00 24.62
CA LYS A 30 -24.97 3.60 23.31
C LYS A 30 -23.65 3.63 22.57
N VAL A 31 -23.69 3.36 21.27
CA VAL A 31 -22.49 3.21 20.46
C VAL A 31 -22.53 4.22 19.32
N GLY A 32 -21.44 4.96 19.15
CA GLY A 32 -21.29 5.80 17.99
C GLY A 32 -20.60 5.03 16.88
N ILE A 33 -19.30 5.28 16.71
CA ILE A 33 -18.48 4.56 15.74
C ILE A 33 -17.26 4.06 16.47
N PHE A 34 -16.49 3.22 15.79
CA PHE A 34 -15.17 2.87 16.27
C PHE A 34 -14.21 3.97 15.88
N ASN A 35 -13.49 4.54 16.84
CA ASN A 35 -12.71 5.73 16.58
C ASN A 35 -11.35 5.59 17.26
N THR A 36 -10.52 6.59 17.06
CA THR A 36 -9.29 6.73 17.82
C THR A 36 -9.57 7.56 19.06
N LEU A 37 -8.71 7.39 20.07
CA LEU A 37 -8.83 8.20 21.27
C LEU A 37 -8.78 9.69 20.95
N GLY A 38 -7.89 10.10 20.03
CA GLY A 38 -7.71 11.52 19.73
C GLY A 38 -8.91 12.18 19.09
N ASP A 39 -9.72 11.42 18.34
CA ASP A 39 -10.90 11.97 17.67
C ASP A 39 -12.21 11.50 18.28
N ALA A 40 -12.18 10.73 19.35
CA ALA A 40 -13.38 10.07 19.84
C ALA A 40 -14.46 11.08 20.19
N ASN A 41 -15.66 10.81 19.73
CA ASN A 41 -16.84 11.54 20.14
C ASN A 41 -17.58 10.78 21.22
N PRO A 42 -18.48 11.41 21.96
CA PRO A 42 -19.23 10.68 22.99
C PRO A 42 -19.89 9.43 22.42
N ASN A 43 -19.77 8.32 23.14
CA ASN A 43 -20.32 7.00 22.83
C ASN A 43 -19.48 6.23 21.81
N ASP A 44 -18.42 6.80 21.27
CA ASP A 44 -17.54 6.03 20.41
C ASP A 44 -16.85 4.93 21.19
N ILE A 45 -16.51 3.86 20.48
CA ILE A 45 -15.69 2.79 21.01
C ILE A 45 -14.29 2.97 20.46
N VAL A 46 -13.28 2.76 21.30
CA VAL A 46 -11.90 2.93 20.90
C VAL A 46 -11.19 1.60 21.03
N ILE A 47 -10.57 1.16 19.93
CA ILE A 47 -9.66 0.02 19.93
C ILE A 47 -8.25 0.58 19.89
N ARG A 48 -7.42 0.19 20.85
CA ARG A 48 -6.06 0.69 20.91
C ARG A 48 -5.19 -0.39 21.50
N HIS A 49 -4.08 -0.70 20.82
CA HIS A 49 -3.19 -1.76 21.29
C HIS A 49 -2.71 -1.50 22.71
N TRP A 50 -2.19 -0.30 22.97
CA TRP A 50 -1.70 0.08 24.28
C TRP A 50 -2.60 1.16 24.86
N ILE A 51 -2.72 1.16 26.19
CA ILE A 51 -3.39 2.23 26.91
C ILE A 51 -2.65 2.46 28.20
N ASP A 52 -2.64 3.71 28.67
CA ASP A 52 -2.07 4.05 29.97
C ASP A 52 -3.06 4.86 30.78
N GLU A 53 -2.65 5.32 31.97
CA GLU A 53 -3.55 6.06 32.84
C GLU A 53 -4.06 7.32 32.18
N LYS A 54 -3.20 8.02 31.43
CA LYS A 54 -3.67 9.24 30.78
C LYS A 54 -4.67 8.92 29.67
N GLY A 55 -4.45 7.82 28.95
CA GLY A 55 -5.43 7.40 27.95
C GLY A 55 -6.78 7.12 28.57
N VAL A 56 -6.78 6.38 29.70
CA VAL A 56 -8.01 6.09 30.42
C VAL A 56 -8.71 7.39 30.81
N GLU A 57 -7.93 8.39 31.26
CA GLU A 57 -8.51 9.68 31.62
C GLU A 57 -9.08 10.39 30.40
N ILE A 58 -8.34 10.38 29.28
CA ILE A 58 -8.85 10.94 28.04
C ILE A 58 -10.14 10.24 27.63
N ALA A 59 -10.13 8.90 27.66
CA ALA A 59 -11.35 8.15 27.34
C ALA A 59 -12.51 8.59 28.22
N LYS A 60 -12.25 8.81 29.50
CA LYS A 60 -13.32 9.29 30.38
C LYS A 60 -13.80 10.67 29.96
N ASN A 61 -12.85 11.59 29.69
CA ASN A 61 -13.21 12.96 29.35
C ASN A 61 -13.94 13.04 28.03
N LYS A 62 -13.62 12.15 27.09
CA LYS A 62 -14.31 12.14 25.82
C LYS A 62 -15.60 11.32 25.85
N GLU A 63 -15.94 10.72 27.00
CA GLU A 63 -17.16 9.92 27.13
C GLU A 63 -17.17 8.74 26.15
N VAL A 64 -16.00 8.12 25.98
CA VAL A 64 -15.90 6.88 25.22
C VAL A 64 -16.79 5.83 25.86
N SER A 65 -17.53 5.09 25.04
CA SER A 65 -18.43 4.09 25.63
C SER A 65 -17.69 2.83 26.05
N ALA A 66 -16.56 2.53 25.42
CA ALA A 66 -15.79 1.35 25.79
C ALA A 66 -14.40 1.45 25.19
N LEU A 67 -13.43 0.93 25.90
CA LEU A 67 -12.04 0.90 25.46
C LEU A 67 -11.66 -0.56 25.33
N ILE A 68 -11.15 -0.93 24.15
CA ILE A 68 -10.72 -2.30 23.88
C ILE A 68 -9.22 -2.24 23.69
N THR A 69 -8.51 -3.02 24.48
CA THR A 69 -7.06 -2.93 24.44
C THR A 69 -6.45 -4.29 24.71
N GLN A 70 -5.24 -4.46 24.21
CA GLN A 70 -4.45 -5.65 24.49
C GLN A 70 -3.48 -5.45 25.65
N ASN A 71 -2.95 -4.23 25.84
CA ASN A 71 -1.90 -3.98 26.84
C ASN A 71 -2.28 -2.78 27.70
N PRO A 72 -2.99 -3.00 28.80
CA PRO A 72 -3.19 -1.92 29.77
C PRO A 72 -1.90 -1.73 30.55
N LYS A 73 -1.35 -0.52 30.48
CA LYS A 73 -0.05 -0.23 31.09
C LYS A 73 -0.21 0.34 32.48
N GLY A 74 0.79 0.08 33.33
CA GLY A 74 0.78 0.67 34.66
C GLY A 74 -0.43 0.24 35.46
N ASN A 75 -1.12 1.22 36.06
CA ASN A 75 -2.32 0.99 36.85
C ASN A 75 -3.59 1.36 36.10
N SER A 76 -3.55 1.32 34.76
CA SER A 76 -4.69 1.82 33.99
C SER A 76 -5.93 0.97 34.27
N LEU A 77 -5.76 -0.33 34.47
CA LEU A 77 -6.90 -1.18 34.76
C LEU A 77 -7.62 -0.71 36.03
N GLU A 78 -6.87 -0.58 37.12
CA GLU A 78 -7.47 -0.10 38.37
C GLU A 78 -7.95 1.34 38.23
N TYR A 79 -7.20 2.15 37.49
CA TYR A 79 -7.64 3.53 37.26
C TYR A 79 -8.94 3.57 36.47
N ALA A 80 -9.06 2.73 35.44
CA ALA A 80 -10.32 2.65 34.70
C ALA A 80 -11.45 2.13 35.58
N LYS A 81 -11.16 1.17 36.45
CA LYS A 81 -12.20 0.71 37.38
C LYS A 81 -12.65 1.86 38.27
N LYS A 82 -11.72 2.73 38.66
CA LYS A 82 -12.08 3.87 39.50
C LYS A 82 -12.93 4.88 38.72
N LEU A 83 -12.51 5.22 37.51
CA LEU A 83 -13.22 6.20 36.69
C LEU A 83 -14.45 5.62 36.02
N LYS A 84 -14.73 4.33 36.21
CA LYS A 84 -15.88 3.68 35.58
C LYS A 84 -15.82 3.75 34.05
N VAL A 85 -14.63 3.55 33.50
CA VAL A 85 -14.44 3.43 32.05
C VAL A 85 -14.42 1.94 31.70
N PRO A 86 -15.37 1.44 30.91
CA PRO A 86 -15.36 0.02 30.59
C PRO A 86 -14.13 -0.33 29.77
N ILE A 87 -13.47 -1.42 30.14
CA ILE A 87 -12.28 -1.87 29.45
C ILE A 87 -12.53 -3.30 29.04
N ILE A 88 -12.30 -3.60 27.78
CA ILE A 88 -12.36 -4.95 27.25
C ILE A 88 -10.94 -5.35 26.90
N LEU A 89 -10.45 -6.36 27.59
CA LEU A 89 -9.06 -6.80 27.47
C LEU A 89 -9.04 -7.97 26.49
N VAL A 90 -8.25 -7.84 25.43
CA VAL A 90 -8.17 -8.87 24.40
C VAL A 90 -6.73 -9.35 24.28
N ASN A 91 -6.58 -10.63 23.91
CA ASN A 91 -5.24 -11.16 23.64
C ASN A 91 -4.79 -10.89 22.22
N LYS A 92 -5.72 -10.75 21.27
CA LYS A 92 -5.40 -10.60 19.86
C LYS A 92 -6.22 -9.43 19.34
N ILE A 93 -5.62 -8.25 19.32
CA ILE A 93 -6.36 -7.02 19.05
C ILE A 93 -6.89 -6.99 17.62
N GLU A 94 -6.28 -7.73 16.69
CA GLU A 94 -6.81 -7.72 15.33
C GLU A 94 -8.18 -8.38 15.25
N LEU A 95 -8.54 -9.24 16.20
CA LEU A 95 -9.91 -9.75 16.20
C LEU A 95 -10.92 -8.62 16.45
N ALA A 96 -10.55 -7.63 17.26
CA ALA A 96 -11.42 -6.50 17.52
C ALA A 96 -11.57 -5.62 16.29
N SER A 97 -10.46 -5.34 15.61
CA SER A 97 -10.51 -4.53 14.40
C SER A 97 -11.35 -5.21 13.34
N ALA A 98 -11.27 -6.54 13.26
CA ALA A 98 -12.07 -7.25 12.26
C ALA A 98 -13.54 -7.17 12.61
N PHE A 99 -13.88 -7.33 13.89
CA PHE A 99 -15.26 -7.13 14.28
C PHE A 99 -15.72 -5.71 13.96
N ALA A 100 -14.88 -4.71 14.25
CA ALA A 100 -15.25 -3.33 13.97
C ALA A 100 -15.57 -3.11 12.50
N ILE A 101 -14.76 -3.66 11.59
CA ILE A 101 -15.05 -3.54 10.16
C ILE A 101 -16.39 -4.20 9.82
N LYS A 102 -16.57 -5.44 10.25
CA LYS A 102 -17.81 -6.14 9.94
C LYS A 102 -19.03 -5.38 10.45
N TRP A 103 -18.97 -4.96 11.72
CA TRP A 103 -20.08 -4.21 12.31
C TRP A 103 -20.31 -2.89 11.59
N THR A 104 -19.23 -2.22 11.21
CA THR A 104 -19.37 -0.92 10.55
C THR A 104 -19.96 -1.09 9.16
N ILE A 105 -19.50 -2.10 8.41
CA ILE A 105 -20.11 -2.36 7.11
C ILE A 105 -21.60 -2.67 7.27
N LYS A 106 -21.93 -3.53 8.23
CA LYS A 106 -23.33 -3.94 8.39
C LYS A 106 -24.22 -2.76 8.77
N ASN A 107 -23.75 -1.88 9.64
CA ASN A 107 -24.59 -0.81 10.14
C ASN A 107 -24.51 0.47 9.33
N PHE A 108 -23.49 0.66 8.51
CA PHE A 108 -23.35 1.91 7.77
C PHE A 108 -23.26 1.74 6.26
N ALA A 109 -22.85 0.56 5.75
CA ALA A 109 -22.75 0.43 4.29
C ALA A 109 -23.07 -0.99 3.82
N PRO A 110 -24.20 -1.57 4.25
CA PRO A 110 -24.40 -3.00 3.99
C PRO A 110 -24.62 -3.36 2.52
N ASN A 111 -25.18 -2.49 1.70
CA ASN A 111 -25.53 -2.88 0.35
C ASN A 111 -24.42 -2.59 -0.65
N THR A 112 -23.18 -2.49 -0.19
CA THR A 112 -22.08 -2.15 -1.06
C THR A 112 -21.51 -3.37 -1.76
N TYR A 113 -20.90 -3.12 -2.91
CA TYR A 113 -19.98 -4.06 -3.54
C TYR A 113 -18.57 -3.75 -3.04
N ARG A 114 -17.77 -4.79 -2.83
CA ARG A 114 -16.50 -4.58 -2.14
C ARG A 114 -15.36 -5.28 -2.86
N VAL A 115 -14.22 -4.61 -2.94
CA VAL A 115 -13.00 -5.20 -3.49
C VAL A 115 -11.87 -4.99 -2.49
N VAL A 116 -11.06 -6.02 -2.30
CA VAL A 116 -9.87 -5.96 -1.47
C VAL A 116 -8.66 -6.02 -2.40
N ILE A 117 -7.67 -5.17 -2.12
CA ILE A 117 -6.43 -5.12 -2.89
C ILE A 117 -5.28 -5.34 -1.91
N THR A 118 -4.44 -6.34 -2.20
CA THR A 118 -3.25 -6.57 -1.38
C THR A 118 -2.09 -6.96 -2.30
N GLY A 119 -0.93 -7.22 -1.70
CA GLY A 119 0.30 -7.36 -2.45
C GLY A 119 1.43 -6.56 -1.83
N THR A 120 2.65 -6.83 -2.32
CA THR A 120 3.79 -6.13 -1.74
C THR A 120 3.93 -4.73 -2.32
N ASN A 121 3.93 -4.58 -3.64
CA ASN A 121 4.05 -3.28 -4.28
C ASN A 121 2.81 -3.04 -5.13
N GLY A 122 2.52 -1.77 -5.40
CA GLY A 122 1.43 -1.46 -6.30
C GLY A 122 0.04 -1.47 -5.68
N LYS A 123 -0.08 -1.82 -4.40
CA LYS A 123 -1.37 -1.78 -3.69
C LYS A 123 -2.06 -0.43 -3.82
N SER A 124 -1.35 0.64 -3.46
CA SER A 124 -2.02 1.93 -3.36
C SER A 124 -2.40 2.46 -4.72
N THR A 125 -1.49 2.35 -5.68
CA THR A 125 -1.82 2.74 -7.05
C THR A 125 -3.02 1.95 -7.57
N THR A 126 -2.99 0.63 -7.42
CA THR A 126 -4.10 -0.17 -7.94
C THR A 126 -5.43 0.22 -7.25
N THR A 127 -5.41 0.37 -5.93
CA THR A 127 -6.61 0.81 -5.20
C THR A 127 -7.08 2.18 -5.70
N HIS A 128 -6.16 3.12 -5.82
CA HIS A 128 -6.46 4.45 -6.32
C HIS A 128 -7.06 4.41 -7.73
N MET A 129 -6.51 3.58 -8.61
CA MET A 129 -7.06 3.44 -9.96
CA MET A 129 -7.06 3.45 -9.95
C MET A 129 -8.50 2.93 -9.92
N ILE A 130 -8.74 1.88 -9.15
CA ILE A 130 -10.09 1.32 -9.08
C ILE A 130 -11.05 2.36 -8.53
N TYR A 131 -10.67 2.96 -7.40
CA TYR A 131 -11.48 4.02 -6.81
C TYR A 131 -11.77 5.14 -7.82
N HIS A 132 -10.75 5.55 -8.58
CA HIS A 132 -10.95 6.62 -9.55
C HIS A 132 -11.91 6.22 -10.67
N ILE A 133 -11.79 5.00 -11.17
CA ILE A 133 -12.71 4.55 -12.21
C ILE A 133 -14.15 4.66 -11.72
N LEU A 134 -14.38 4.25 -10.47
CA LEU A 134 -15.75 4.27 -9.94
C LEU A 134 -16.24 5.68 -9.69
N THR A 135 -15.42 6.52 -9.07
CA THR A 135 -15.91 7.86 -8.74
C THR A 135 -16.00 8.74 -9.98
N HIS A 136 -15.09 8.55 -10.95
CA HIS A 136 -15.20 9.29 -12.20
C HIS A 136 -16.54 9.03 -12.88
N ALA A 137 -17.10 7.84 -12.72
CA ALA A 137 -18.40 7.46 -13.25
C ALA A 137 -19.55 7.92 -12.36
N GLY A 138 -19.28 8.71 -11.32
CA GLY A 138 -20.33 9.21 -10.47
C GLY A 138 -20.78 8.27 -9.38
N LYS A 139 -20.11 7.13 -9.21
CA LYS A 139 -20.52 6.23 -8.13
C LYS A 139 -19.94 6.72 -6.80
N LYS A 140 -20.68 6.46 -5.73
CA LYS A 140 -20.24 6.80 -4.38
C LYS A 140 -19.36 5.66 -3.85
N ALA A 141 -18.13 5.97 -3.51
CA ALA A 141 -17.20 4.92 -3.15
C ALA A 141 -16.35 5.35 -1.98
N PHE A 142 -15.89 4.37 -1.22
CA PHE A 142 -14.98 4.61 -0.11
C PHE A 142 -13.70 3.84 -0.38
N THR A 143 -12.57 4.48 -0.05
CA THR A 143 -11.29 3.80 -0.01
C THR A 143 -10.51 4.27 1.21
N ASN A 144 -9.65 3.39 1.73
CA ASN A 144 -8.84 3.69 2.90
C ASN A 144 -7.44 4.18 2.53
N THR A 145 -7.17 4.39 1.25
CA THR A 145 -5.87 4.91 0.83
C THR A 145 -5.96 6.42 0.64
N ASP A 146 -4.86 7.10 0.96
CA ASP A 146 -4.75 8.54 0.79
C ASP A 146 -3.89 8.85 -0.45
N ALA A 147 -4.32 9.86 -1.20
CA ALA A 147 -3.59 10.31 -2.39
C ALA A 147 -2.34 11.13 -2.03
N MET A 158 -7.24 3.20 10.44
CA MET A 158 -8.32 2.36 10.91
C MET A 158 -9.46 2.39 9.91
N VAL A 159 -9.69 1.25 9.25
CA VAL A 159 -10.72 1.17 8.23
C VAL A 159 -12.10 1.45 8.84
N ALA A 160 -12.41 0.85 10.00
CA ALA A 160 -13.74 1.03 10.57
C ALA A 160 -14.03 2.50 10.83
N LYS A 161 -13.05 3.23 11.34
CA LYS A 161 -13.21 4.65 11.61
C LYS A 161 -13.48 5.43 10.32
N LEU A 162 -12.60 5.28 9.32
CA LEU A 162 -12.73 6.03 8.07
C LEU A 162 -14.00 5.66 7.33
N LEU A 163 -14.37 4.38 7.36
CA LEU A 163 -15.57 3.95 6.66
C LEU A 163 -16.83 4.56 7.28
N ALA A 164 -16.96 4.49 8.61
CA ALA A 164 -18.09 5.12 9.29
C ALA A 164 -18.16 6.61 8.95
N GLU A 165 -17.04 7.30 8.99
CA GLU A 165 -17.06 8.74 8.74
C GLU A 165 -17.55 9.06 7.33
N LYS A 166 -17.13 8.29 6.33
CA LYS A 166 -17.60 8.61 5.00
C LYS A 166 -19.03 8.14 4.79
N ALA A 167 -19.38 6.97 5.37
CA ALA A 167 -20.73 6.45 5.21
C ALA A 167 -21.75 7.37 5.84
N LYS A 168 -21.36 8.07 6.91
CA LYS A 168 -22.27 9.03 7.51
C LYS A 168 -22.47 10.27 6.65
N LYS A 169 -21.64 10.48 5.63
CA LYS A 169 -21.76 11.62 4.74
C LYS A 169 -22.40 11.28 3.40
N GLU A 170 -22.28 10.05 2.90
CA GLU A 170 -22.91 9.74 1.61
C GLU A 170 -23.37 8.29 1.58
N ASN A 171 -24.25 7.99 0.62
CA ASN A 171 -24.80 6.65 0.43
C ASN A 171 -23.85 5.86 -0.44
N LEU A 172 -22.92 5.16 0.20
CA LEU A 172 -21.88 4.42 -0.51
C LEU A 172 -22.45 3.26 -1.32
N GLU A 173 -21.88 3.06 -2.52
CA GLU A 173 -22.14 1.88 -3.32
C GLU A 173 -20.96 0.92 -3.40
N TYR A 174 -19.71 1.40 -3.25
CA TYR A 174 -18.51 0.58 -3.42
C TYR A 174 -17.53 0.80 -2.30
N LEU A 175 -16.95 -0.29 -1.80
CA LEU A 175 -15.84 -0.19 -0.84
C LEU A 175 -14.60 -0.73 -1.55
N VAL A 176 -13.56 0.07 -1.63
CA VAL A 176 -12.33 -0.29 -2.33
C VAL A 176 -11.22 -0.23 -1.27
N ILE A 177 -10.86 -1.38 -0.70
CA ILE A 177 -10.08 -1.43 0.54
C ILE A 177 -8.72 -2.06 0.29
N GLU A 178 -7.65 -1.33 0.63
CA GLU A 178 -6.30 -1.85 0.56
C GLU A 178 -5.98 -2.53 1.87
N VAL A 179 -5.46 -3.75 1.79
CA VAL A 179 -5.11 -4.57 2.94
C VAL A 179 -3.60 -4.76 2.89
N SER A 180 -2.91 -4.38 3.96
CA SER A 180 -1.45 -4.46 3.98
C SER A 180 -0.97 -5.73 4.69
N GLU A 181 0.35 -5.95 4.63
CA GLU A 181 0.95 -7.17 5.18
C GLU A 181 0.92 -7.17 6.70
N VAL A 182 1.24 -6.02 7.31
CA VAL A 182 1.08 -5.89 8.75
C VAL A 182 0.35 -4.59 9.08
N ASP A 187 3.25 -4.72 14.06
CA ASP A 187 4.66 -4.82 13.66
C ASP A 187 5.02 -6.27 13.37
N ARG A 188 4.55 -7.17 14.21
CA ARG A 188 4.78 -8.59 14.01
C ARG A 188 3.95 -9.10 12.85
N LEU A 189 4.59 -9.79 11.91
CA LEU A 189 3.86 -10.39 10.79
C LEU A 189 2.91 -11.46 11.35
N MET A 190 1.62 -11.23 11.21
CA MET A 190 0.62 -12.21 11.62
C MET A 190 0.12 -12.97 10.40
N LYS A 191 0.20 -14.30 10.45
CA LYS A 191 -0.10 -15.08 9.26
C LYS A 191 -1.55 -14.95 8.82
N ASP A 192 -2.48 -14.68 9.75
CA ASP A 192 -3.88 -14.58 9.40
C ASP A 192 -4.37 -13.15 9.21
N HIS A 193 -3.48 -12.16 9.15
CA HIS A 193 -3.93 -10.77 9.09
C HIS A 193 -4.78 -10.50 7.85
N ALA A 194 -4.27 -10.83 6.66
CA ALA A 194 -5.03 -10.58 5.44
C ALA A 194 -6.28 -11.45 5.39
N TYR A 195 -6.19 -12.70 5.86
CA TYR A 195 -7.36 -13.57 5.92
C TYR A 195 -8.48 -12.96 6.74
N LEU A 196 -8.18 -12.55 7.98
CA LEU A 196 -9.21 -12.03 8.88
C LEU A 196 -9.77 -10.71 8.37
N MET A 197 -8.90 -9.84 7.84
CA MET A 197 -9.40 -8.56 7.36
C MET A 197 -10.28 -8.75 6.14
N THR A 198 -9.86 -9.63 5.22
CA THR A 198 -10.68 -9.93 4.06
C THR A 198 -11.98 -10.61 4.46
N LYS A 199 -11.93 -11.55 5.41
CA LYS A 199 -13.18 -12.15 5.88
C LYS A 199 -14.14 -11.08 6.43
N SER A 200 -13.61 -10.09 7.16
CA SER A 200 -14.48 -9.07 7.75
CA SER A 200 -14.48 -9.07 7.75
C SER A 200 -15.10 -8.16 6.70
N ILE A 201 -14.42 -7.97 5.57
CA ILE A 201 -14.94 -7.12 4.49
C ILE A 201 -15.92 -7.89 3.59
N ASN A 202 -15.71 -9.20 3.43
CA ASN A 202 -16.55 -10.05 2.58
C ASN A 202 -16.60 -9.49 1.15
N PRO A 203 -15.46 -9.37 0.49
CA PRO A 203 -15.46 -8.73 -0.83
C PRO A 203 -15.97 -9.68 -1.89
N ASN A 204 -16.46 -9.05 -2.97
CA ASN A 204 -16.78 -9.71 -4.22
C ASN A 204 -15.52 -10.05 -5.03
N VAL A 205 -14.47 -9.25 -4.88
CA VAL A 205 -13.24 -9.35 -5.68
C VAL A 205 -12.04 -9.16 -4.77
N VAL A 206 -11.04 -10.04 -4.87
CA VAL A 206 -9.74 -9.83 -4.25
C VAL A 206 -8.69 -9.71 -5.35
N VAL A 207 -7.94 -8.62 -5.32
CA VAL A 207 -6.81 -8.38 -6.21
C VAL A 207 -5.51 -8.57 -5.43
N VAL A 208 -4.60 -9.36 -5.98
CA VAL A 208 -3.25 -9.47 -5.48
C VAL A 208 -2.31 -9.02 -6.58
N THR A 209 -1.53 -7.97 -6.31
CA THR A 209 -0.63 -7.39 -7.30
C THR A 209 0.66 -8.20 -7.45
N ASN A 210 1.25 -8.64 -6.35
CA ASN A 210 2.52 -9.36 -6.40
C ASN A 210 2.87 -9.73 -4.97
N VAL A 211 3.87 -10.59 -4.82
CA VAL A 211 4.59 -10.74 -3.55
C VAL A 211 6.06 -10.50 -3.84
N ALA A 212 6.73 -9.71 -3.00
CA ALA A 212 8.11 -9.41 -3.28
C ALA A 212 8.84 -9.21 -1.97
N LEU A 213 10.17 -9.20 -2.05
CA LEU A 213 10.96 -9.02 -0.86
C LEU A 213 10.87 -7.56 -0.40
N ASP A 214 10.42 -7.36 0.83
CA ASP A 214 10.39 -6.03 1.44
C ASP A 214 10.88 -6.17 2.88
N HIS A 215 10.70 -5.11 3.67
CA HIS A 215 11.24 -5.14 5.02
C HIS A 215 10.61 -6.24 5.87
N ILE A 216 9.29 -6.42 5.76
CA ILE A 216 8.63 -7.49 6.51
C ILE A 216 9.18 -8.87 6.10
N GLY A 217 9.36 -9.09 4.79
CA GLY A 217 9.93 -10.36 4.34
C GLY A 217 11.32 -10.61 4.90
N LEU A 218 12.13 -9.55 4.99
CA LEU A 218 13.48 -9.67 5.55
C LEU A 218 13.46 -10.02 7.04
N VAL A 219 12.57 -9.37 7.81
CA VAL A 219 12.47 -9.69 9.23
C VAL A 219 11.91 -11.09 9.41
N ASN A 220 11.13 -11.59 8.44
CA ASN A 220 10.52 -12.91 8.52
C ASN A 220 11.08 -13.74 7.39
N SER A 221 10.34 -13.92 6.29
CA SER A 221 10.80 -14.67 5.12
C SER A 221 9.81 -14.42 3.99
N ILE A 222 10.28 -14.57 2.76
CA ILE A 222 9.40 -14.31 1.63
C ILE A 222 8.28 -15.34 1.60
N GLU A 223 8.54 -16.55 2.09
CA GLU A 223 7.49 -17.57 2.12
C GLU A 223 6.38 -17.21 3.11
N GLU A 224 6.74 -16.67 4.28
CA GLU A 224 5.73 -16.26 5.25
C GLU A 224 4.93 -15.06 4.76
N VAL A 225 5.55 -14.13 4.03
CA VAL A 225 4.81 -13.06 3.39
C VAL A 225 3.85 -13.62 2.32
N PHE A 226 4.33 -14.55 1.50
CA PHE A 226 3.45 -15.18 0.52
C PHE A 226 2.27 -15.86 1.18
N GLU A 227 2.53 -16.60 2.26
CA GLU A 227 1.44 -17.28 2.97
C GLU A 227 0.46 -16.28 3.58
N GLU A 228 0.97 -15.22 4.23
CA GLU A 228 0.10 -14.18 4.75
C GLU A 228 -0.72 -13.53 3.64
N THR A 229 -0.07 -13.15 2.54
CA THR A 229 -0.79 -12.51 1.43
C THR A 229 -1.86 -13.43 0.86
N SER A 230 -1.52 -14.71 0.64
CA SER A 230 -2.49 -15.64 0.09
C SER A 230 -3.71 -15.81 1.01
N GLY A 231 -3.61 -15.45 2.29
CA GLY A 231 -4.79 -15.51 3.12
C GLY A 231 -5.96 -14.69 2.59
N ALA A 232 -5.68 -13.60 1.88
CA ALA A 232 -6.76 -12.80 1.30
C ALA A 232 -7.51 -13.59 0.25
N VAL A 233 -6.80 -14.43 -0.50
CA VAL A 233 -7.45 -15.27 -1.50
C VAL A 233 -8.16 -16.46 -0.84
N LYS A 234 -7.54 -17.07 0.18
CA LYS A 234 -8.17 -18.19 0.88
C LYS A 234 -9.46 -17.78 1.59
N ALA A 235 -9.58 -16.50 1.96
CA ALA A 235 -10.78 -16.01 2.62
C ALA A 235 -11.99 -15.96 1.69
N LEU A 236 -11.79 -16.02 0.39
CA LEU A 236 -12.89 -15.93 -0.57
C LEU A 236 -13.62 -17.27 -0.66
N GLU A 237 -14.95 -17.23 -0.52
CA GLU A 237 -15.73 -18.42 -0.83
C GLU A 237 -16.52 -18.28 -2.14
N LYS A 238 -16.67 -17.06 -2.65
CA LYS A 238 -17.37 -16.77 -3.91
C LYS A 238 -16.59 -15.68 -4.64
N GLY A 239 -17.02 -15.35 -5.85
CA GLY A 239 -16.50 -14.16 -6.51
C GLY A 239 -15.24 -14.41 -7.30
N PHE A 240 -14.31 -13.46 -7.29
CA PHE A 240 -13.18 -13.43 -8.22
C PHE A 240 -11.88 -13.16 -7.49
N ALA A 241 -10.87 -13.97 -7.79
CA ALA A 241 -9.49 -13.70 -7.37
C ALA A 241 -8.74 -13.20 -8.59
N VAL A 242 -8.40 -11.92 -8.57
CA VAL A 242 -7.70 -11.26 -9.66
C VAL A 242 -6.21 -11.31 -9.33
N LEU A 243 -5.46 -12.11 -10.09
CA LEU A 243 -4.11 -12.51 -9.74
C LEU A 243 -3.15 -12.14 -10.87
N ASN A 244 -2.03 -11.52 -10.50
CA ASN A 244 -0.99 -11.13 -11.45
C ASN A 244 -0.27 -12.37 -11.92
N TYR A 245 -0.54 -12.78 -13.16
CA TYR A 245 0.13 -13.96 -13.70
C TYR A 245 1.65 -13.76 -13.78
N ASP A 246 2.10 -12.52 -13.98
CA ASP A 246 3.52 -12.26 -14.23
C ASP A 246 4.37 -12.32 -12.97
N ASN A 247 3.78 -12.51 -11.81
CA ASN A 247 4.51 -12.64 -10.55
C ASN A 247 4.33 -14.08 -10.08
N GLU A 248 5.44 -14.78 -9.86
CA GLU A 248 5.34 -16.23 -9.62
C GLU A 248 4.56 -16.54 -8.35
N PHE A 249 4.69 -15.69 -7.34
CA PHE A 249 3.96 -15.95 -6.09
C PHE A 249 2.46 -15.80 -6.28
N THR A 250 2.01 -14.69 -6.90
CA THR A 250 0.58 -14.54 -7.09
C THR A 250 0.04 -15.56 -8.08
N ARG A 251 0.84 -15.97 -9.06
CA ARG A 251 0.39 -17.03 -9.95
C ARG A 251 0.09 -18.32 -9.17
N LYS A 252 0.96 -18.63 -8.18
CA LYS A 252 0.76 -19.80 -7.33
C LYS A 252 -0.52 -19.75 -6.53
N MET A 253 -1.09 -18.57 -6.27
CA MET A 253 -2.28 -18.56 -5.42
C MET A 253 -3.50 -19.08 -6.15
N ALA A 254 -3.42 -19.23 -7.47
CA ALA A 254 -4.51 -19.85 -8.19
C ALA A 254 -4.77 -21.26 -7.68
N LYS A 255 -3.76 -21.91 -7.11
CA LYS A 255 -3.95 -23.23 -6.50
C LYS A 255 -4.63 -23.16 -5.15
N LEU A 256 -4.84 -21.97 -4.59
CA LEU A 256 -5.33 -21.83 -3.22
C LEU A 256 -6.76 -21.30 -3.17
N THR A 257 -7.43 -21.19 -4.30
CA THR A 257 -8.78 -20.64 -4.31
C THR A 257 -9.78 -21.72 -3.93
N ASN A 258 -10.87 -21.31 -3.33
CA ASN A 258 -11.89 -22.28 -2.99
C ASN A 258 -12.69 -22.63 -4.24
N LYS A 259 -13.60 -23.61 -4.07
CA LYS A 259 -14.25 -24.30 -5.18
C LYS A 259 -15.00 -23.33 -6.10
N ASN A 260 -15.81 -22.44 -5.52
CA ASN A 260 -16.70 -21.58 -6.29
C ASN A 260 -16.09 -20.21 -6.62
N VAL A 261 -14.77 -20.06 -6.50
CA VAL A 261 -14.09 -18.80 -6.75
C VAL A 261 -13.48 -18.86 -8.15
N LYS A 262 -13.71 -17.82 -8.94
CA LYS A 262 -13.16 -17.74 -10.28
C LYS A 262 -11.80 -17.05 -10.25
N VAL A 263 -10.78 -17.72 -10.77
CA VAL A 263 -9.46 -17.13 -10.96
C VAL A 263 -9.47 -16.29 -12.23
N PHE A 264 -8.99 -15.05 -12.11
CA PHE A 264 -8.93 -14.10 -13.22
C PHE A 264 -7.48 -13.63 -13.29
N PHE A 265 -6.71 -14.25 -14.18
CA PHE A 265 -5.31 -13.90 -14.40
C PHE A 265 -5.21 -12.64 -15.26
N TYR A 266 -4.27 -11.77 -14.92
CA TYR A 266 -3.88 -10.67 -15.80
C TYR A 266 -2.37 -10.70 -15.99
N GLY A 267 -1.92 -10.26 -17.17
CA GLY A 267 -0.51 -10.31 -17.52
C GLY A 267 -0.33 -10.96 -18.88
N LYS A 268 0.85 -11.51 -19.13
CA LYS A 268 1.16 -12.05 -20.46
C LYS A 268 0.30 -13.28 -20.76
N ASN A 269 -0.30 -13.31 -21.96
CA ASN A 269 -1.10 -14.45 -22.44
C ASN A 269 -2.34 -14.66 -21.57
N CYS A 270 -2.81 -13.61 -20.91
CA CYS A 270 -4.01 -13.61 -20.08
C CYS A 270 -5.12 -12.83 -20.76
N PRO A 271 -6.37 -12.96 -20.27
CA PRO A 271 -7.47 -12.24 -20.93
C PRO A 271 -7.37 -10.72 -20.84
N VAL A 272 -6.73 -10.19 -19.81
CA VAL A 272 -6.38 -8.77 -19.74
C VAL A 272 -4.87 -8.70 -19.81
N THR A 273 -4.34 -8.07 -20.86
CA THR A 273 -2.93 -8.26 -21.16
C THR A 273 -2.39 -7.01 -21.83
N PHE A 274 -1.06 -6.85 -21.77
CA PHE A 274 -0.36 -5.78 -22.46
C PHE A 274 0.49 -6.41 -23.56
N LYS A 275 0.29 -5.98 -24.78
CA LYS A 275 1.12 -6.50 -25.87
C LYS A 275 1.09 -5.51 -27.01
N SER A 276 2.13 -5.56 -27.85
CA SER A 276 2.28 -4.65 -29.00
C SER A 276 2.01 -3.20 -28.60
N GLY A 277 2.46 -2.82 -27.41
CA GLY A 277 2.34 -1.47 -26.91
C GLY A 277 0.98 -1.09 -26.36
N GLY A 278 -0.03 -1.94 -26.46
CA GLY A 278 -1.37 -1.61 -26.05
C GLY A 278 -1.95 -2.63 -25.07
N ILE A 279 -3.07 -2.26 -24.47
CA ILE A 279 -3.78 -3.11 -23.51
C ILE A 279 -4.96 -3.76 -24.22
N TYR A 280 -5.04 -5.08 -24.11
CA TYR A 280 -6.06 -5.90 -24.77
C TYR A 280 -6.93 -6.58 -23.73
N VAL A 281 -8.22 -6.68 -24.03
CA VAL A 281 -9.18 -7.39 -23.20
C VAL A 281 -9.85 -8.43 -24.09
N ASN A 282 -9.70 -9.70 -23.74
CA ASN A 282 -10.24 -10.80 -24.54
C ASN A 282 -9.79 -10.68 -25.99
N ASN A 283 -8.51 -10.35 -26.17
CA ASN A 283 -7.85 -10.20 -27.47
C ASN A 283 -8.42 -9.06 -28.31
N ASP A 284 -9.25 -8.19 -27.74
CA ASP A 284 -9.63 -6.95 -28.40
C ASP A 284 -8.81 -5.79 -27.85
N LEU A 285 -8.38 -4.89 -28.75
CA LEU A 285 -7.64 -3.72 -28.33
C LEU A 285 -8.54 -2.83 -27.47
N PHE A 286 -8.07 -2.51 -26.27
CA PHE A 286 -8.83 -1.71 -25.31
C PHE A 286 -8.23 -0.34 -25.11
N ILE A 287 -6.92 -0.26 -24.78
CA ILE A 287 -6.21 1.00 -24.67
C ILE A 287 -5.04 0.97 -25.66
N LYS A 288 -5.05 1.90 -26.61
CA LYS A 288 -4.00 2.00 -27.62
C LYS A 288 -2.71 2.54 -27.01
N LYS A 289 -1.59 2.19 -27.67
CA LYS A 289 -0.28 2.63 -27.19
C LYS A 289 -0.13 4.15 -27.19
N GLU A 290 -0.91 4.84 -28.03
CA GLU A 290 -0.88 6.30 -28.01
C GLU A 290 -1.31 6.84 -26.66
N GLU A 291 -2.14 6.10 -25.92
CA GLU A 291 -2.65 6.56 -24.65
C GLU A 291 -1.78 6.11 -23.48
N LEU A 292 -0.65 5.48 -23.74
CA LEU A 292 0.26 5.02 -22.68
C LEU A 292 1.68 5.51 -22.93
N PRO A 293 1.89 6.84 -23.00
CA PRO A 293 3.26 7.33 -23.15
C PRO A 293 4.04 7.35 -21.84
N PHE A 294 5.33 7.03 -21.94
CA PHE A 294 6.27 7.16 -20.82
C PHE A 294 5.79 6.40 -19.58
N LYS A 295 5.35 5.16 -19.77
CA LYS A 295 4.82 4.36 -18.67
C LYS A 295 5.84 3.31 -18.23
N SER A 296 5.72 2.91 -16.98
CA SER A 296 6.58 1.92 -16.37
C SER A 296 5.91 0.55 -16.41
N GLU A 297 6.71 -0.47 -16.07
CA GLU A 297 6.20 -1.83 -15.97
C GLU A 297 5.13 -1.94 -14.89
N TYR A 298 5.40 -1.38 -13.70
CA TYR A 298 4.42 -1.42 -12.62
C TYR A 298 3.15 -0.68 -13.02
N PHE A 299 3.28 0.46 -13.70
CA PHE A 299 2.09 1.19 -14.14
C PHE A 299 1.19 0.32 -15.01
N ILE A 300 1.78 -0.36 -15.99
CA ILE A 300 1.00 -1.23 -16.86
C ILE A 300 0.40 -2.38 -16.06
N GLN A 301 1.19 -3.00 -15.19
CA GLN A 301 0.67 -4.11 -14.40
CA GLN A 301 0.67 -4.11 -14.40
C GLN A 301 -0.48 -3.65 -13.50
N ASN A 302 -0.34 -2.48 -12.87
CA ASN A 302 -1.40 -1.98 -12.01
C ASN A 302 -2.62 -1.61 -12.83
N THR A 303 -2.43 -1.12 -14.05
CA THR A 303 -3.56 -0.83 -14.93
C THR A 303 -4.30 -2.10 -15.30
N LEU A 304 -3.57 -3.16 -15.62
CA LEU A 304 -4.21 -4.44 -15.93
C LEU A 304 -5.02 -4.95 -14.73
N ALA A 305 -4.47 -4.82 -13.53
CA ALA A 305 -5.17 -5.22 -12.31
C ALA A 305 -6.46 -4.44 -12.13
N ALA A 306 -6.38 -3.11 -12.26
CA ALA A 306 -7.56 -2.26 -12.05
C ALA A 306 -8.64 -2.57 -13.07
N ILE A 307 -8.26 -2.79 -14.33
CA ILE A 307 -9.24 -3.15 -15.34
C ILE A 307 -9.89 -4.47 -15.01
N SER A 308 -9.08 -5.46 -14.63
CA SER A 308 -9.60 -6.78 -14.27
C SER A 308 -10.58 -6.71 -13.11
N ALA A 309 -10.20 -5.99 -12.05
CA ALA A 309 -11.11 -5.79 -10.92
C ALA A 309 -12.43 -5.19 -11.38
N CYS A 310 -12.38 -4.17 -12.22
CA CYS A 310 -13.62 -3.50 -12.61
C CYS A 310 -14.46 -4.34 -13.57
N LEU A 311 -13.82 -5.11 -14.46
CA LEU A 311 -14.60 -6.08 -15.23
C LEU A 311 -15.29 -7.08 -14.31
N CYS A 312 -14.62 -7.49 -13.23
CA CYS A 312 -15.22 -8.45 -12.31
C CYS A 312 -16.34 -7.83 -11.51
N LEU A 313 -16.42 -6.51 -11.43
CA LEU A 313 -17.56 -5.80 -10.86
C LEU A 313 -18.61 -5.45 -11.91
N ASN A 314 -18.44 -5.94 -13.13
CA ASN A 314 -19.36 -5.70 -14.24
C ASN A 314 -19.50 -4.21 -14.55
N ILE A 315 -18.42 -3.46 -14.36
CA ILE A 315 -18.43 -2.07 -14.83
C ILE A 315 -18.41 -2.06 -16.35
N PRO A 316 -19.32 -1.36 -17.02
CA PRO A 316 -19.30 -1.29 -18.49
C PRO A 316 -17.93 -0.84 -18.97
N PRO A 317 -17.44 -1.46 -20.04
CA PRO A 317 -16.06 -1.19 -20.48
C PRO A 317 -15.79 0.24 -20.88
N ASP A 318 -16.79 0.95 -21.43
CA ASP A 318 -16.58 2.35 -21.78
C ASP A 318 -16.31 3.19 -20.54
N ILE A 319 -16.91 2.81 -19.41
CA ILE A 319 -16.69 3.53 -18.17
C ILE A 319 -15.30 3.21 -17.61
N ILE A 320 -14.88 1.94 -17.66
CA ILE A 320 -13.52 1.59 -17.29
C ILE A 320 -12.53 2.45 -18.07
N LYS A 321 -12.73 2.54 -19.38
CA LYS A 321 -11.79 3.21 -20.26
C LYS A 321 -11.72 4.70 -19.97
N LYS A 322 -12.86 5.35 -19.79
CA LYS A 322 -12.85 6.75 -19.38
C LYS A 322 -12.11 6.95 -18.07
N GLY A 323 -12.28 6.03 -17.12
CA GLY A 323 -11.56 6.14 -15.87
C GLY A 323 -10.05 6.00 -16.06
N ILE A 324 -9.64 5.01 -16.84
CA ILE A 324 -8.22 4.79 -17.10
C ILE A 324 -7.60 6.02 -17.75
N LEU A 325 -8.29 6.59 -18.75
CA LEU A 325 -7.71 7.69 -19.50
C LEU A 325 -7.60 8.96 -18.67
N THR A 326 -8.35 9.09 -17.57
CA THR A 326 -8.31 10.31 -16.77
C THR A 326 -7.62 10.11 -15.41
N TYR A 327 -6.94 8.98 -15.23
CA TYR A 327 -6.35 8.67 -13.94
C TYR A 327 -5.17 9.59 -13.68
N LYS A 328 -5.12 10.14 -12.47
CA LYS A 328 -4.00 10.96 -12.03
C LYS A 328 -3.17 10.18 -11.03
N PRO A 329 -1.91 9.89 -11.33
CA PRO A 329 -1.13 8.98 -10.49
C PRO A 329 -0.77 9.59 -9.15
N LEU A 330 -0.45 8.71 -8.21
CA LEU A 330 0.08 9.16 -6.93
C LEU A 330 1.48 9.74 -7.11
N LYS A 331 1.99 10.34 -6.05
CA LYS A 331 3.26 11.04 -6.11
C LYS A 331 4.42 10.06 -6.32
N ARG A 332 5.39 10.49 -7.14
CA ARG A 332 6.65 9.76 -7.34
C ARG A 332 6.40 8.33 -7.84
N ARG A 333 5.37 8.15 -8.66
CA ARG A 333 5.15 6.89 -9.38
C ARG A 333 5.65 7.08 -10.80
N PHE A 334 6.95 6.86 -10.99
CA PHE A 334 7.57 7.05 -12.30
C PHE A 334 7.19 8.40 -12.89
N SER A 335 7.24 9.46 -12.06
CA SER A 335 6.80 10.77 -12.50
C SER A 335 7.80 11.35 -13.50
N ILE A 336 7.28 11.94 -14.57
CA ILE A 336 8.11 12.55 -15.61
C ILE A 336 8.30 14.01 -15.21
N LEU A 337 9.50 14.35 -14.75
CA LEU A 337 9.77 15.73 -14.36
C LEU A 337 10.29 16.58 -15.51
N CYS A 338 10.88 15.93 -16.52
CA CYS A 338 11.50 16.62 -17.63
C CYS A 338 11.57 15.65 -18.80
N LYS A 339 11.45 16.19 -20.01
CA LYS A 339 11.53 15.36 -21.19
C LYS A 339 12.86 15.46 -21.92
N LYS A 340 13.52 16.63 -21.86
CA LYS A 340 14.88 16.77 -22.40
C LYS A 340 15.73 17.52 -21.39
N PRO A 341 16.54 16.81 -20.58
CA PRO A 341 16.63 15.34 -20.60
C PRO A 341 15.43 14.67 -19.93
N LEU A 342 15.22 13.39 -20.21
CA LEU A 342 14.14 12.64 -19.56
C LEU A 342 14.48 12.41 -18.09
N ILE A 343 13.79 13.10 -17.19
CA ILE A 343 13.99 12.92 -15.76
C ILE A 343 12.79 12.17 -15.20
N ILE A 344 13.06 11.03 -14.57
CA ILE A 344 12.03 10.15 -14.01
C ILE A 344 12.25 10.06 -12.50
N ASP A 345 11.19 10.31 -11.73
CA ASP A 345 11.23 10.31 -10.27
C ASP A 345 10.34 9.17 -9.78
N ASP A 346 10.93 8.16 -9.13
CA ASP A 346 10.19 6.98 -8.70
C ASP A 346 10.57 6.62 -7.28
N PHE A 347 9.56 6.32 -6.46
CA PHE A 347 9.82 6.05 -5.05
C PHE A 347 10.29 4.61 -4.80
N ALA A 348 10.73 3.89 -5.83
CA ALA A 348 11.25 2.53 -5.68
C ALA A 348 12.13 2.41 -4.43
N HIS A 349 11.84 1.40 -3.59
CA HIS A 349 12.45 1.33 -2.27
C HIS A 349 12.75 -0.09 -1.80
N ASN A 350 12.47 -1.12 -2.61
CA ASN A 350 12.78 -2.50 -2.27
C ASN A 350 13.29 -3.16 -3.55
N PRO A 351 13.89 -4.35 -3.50
CA PRO A 351 14.56 -4.89 -4.71
C PRO A 351 13.71 -4.93 -5.96
N ASP A 352 12.47 -5.42 -5.85
CA ASP A 352 11.60 -5.54 -7.02
C ASP A 352 11.26 -4.17 -7.60
N GLY A 353 10.96 -3.19 -6.74
CA GLY A 353 10.67 -1.87 -7.26
C GLY A 353 11.87 -1.27 -7.99
N ILE A 354 13.06 -1.49 -7.45
CA ILE A 354 14.25 -0.88 -8.06
C ILE A 354 14.53 -1.54 -9.40
N LYS A 355 14.40 -2.87 -9.45
CA LYS A 355 14.53 -3.58 -10.71
C LYS A 355 13.58 -3.03 -11.75
N MET A 356 12.29 -2.95 -11.43
CA MET A 356 11.31 -2.52 -12.43
C MET A 356 11.57 -1.07 -12.85
N ALA A 357 11.99 -0.21 -11.91
CA ALA A 357 12.20 1.19 -12.26
C ALA A 357 13.35 1.33 -13.25
N ILE A 358 14.45 0.63 -13.00
CA ILE A 358 15.61 0.73 -13.90
C ILE A 358 15.28 0.16 -15.28
N LYS A 359 14.70 -1.04 -15.32
CA LYS A 359 14.32 -1.64 -16.59
C LYS A 359 13.33 -0.75 -17.36
N SER A 360 12.36 -0.17 -16.66
CA SER A 360 11.40 0.71 -17.33
C SER A 360 12.09 1.97 -17.84
N ALA A 361 13.04 2.49 -17.06
CA ALA A 361 13.78 3.67 -17.48
C ALA A 361 14.64 3.37 -18.70
N LYS A 362 15.32 2.22 -18.69
CA LYS A 362 16.19 1.85 -19.81
C LYS A 362 15.38 1.68 -21.10
N LYS A 363 14.18 1.10 -20.99
CA LYS A 363 13.31 0.96 -22.15
C LYS A 363 12.99 2.31 -22.80
N LEU A 364 13.04 3.41 -22.06
CA LEU A 364 12.76 4.73 -22.59
C LEU A 364 14.02 5.53 -22.90
N THR A 365 15.21 4.93 -22.74
CA THR A 365 16.45 5.68 -22.80
C THR A 365 17.03 5.63 -24.21
N LYS A 366 17.15 6.80 -24.84
CA LYS A 366 17.85 6.90 -26.12
C LYS A 366 19.34 6.65 -25.97
N ASN A 367 20.00 7.41 -25.10
CA ASN A 367 21.45 7.34 -24.97
C ASN A 367 21.86 6.77 -23.61
N LYS A 368 22.39 7.63 -22.75
CA LYS A 368 22.93 7.20 -21.46
C LYS A 368 21.85 7.25 -20.38
N LEU A 369 21.87 6.26 -19.50
CA LEU A 369 20.94 6.17 -18.38
C LEU A 369 21.66 6.55 -17.10
N TRP A 370 21.25 7.65 -16.48
CA TRP A 370 21.74 8.02 -15.16
C TRP A 370 20.77 7.54 -14.09
N VAL A 371 21.28 6.79 -13.12
CA VAL A 371 20.49 6.27 -12.02
C VAL A 371 21.00 6.92 -10.73
N VAL A 372 20.28 7.90 -10.22
CA VAL A 372 20.61 8.53 -8.95
C VAL A 372 19.78 7.88 -7.84
N CYS A 373 20.45 7.24 -6.89
CA CYS A 373 19.78 6.43 -5.88
C CYS A 373 20.15 6.93 -4.48
N ALA A 374 19.14 7.22 -3.66
CA ALA A 374 19.38 7.61 -2.27
C ALA A 374 19.30 6.38 -1.36
N ILE A 375 20.34 6.20 -0.54
CA ILE A 375 20.35 5.12 0.43
C ILE A 375 19.18 5.29 1.41
N ARG A 376 18.63 4.17 1.88
CA ARG A 376 17.48 4.23 2.80
C ARG A 376 18.02 4.36 4.22
N GLY A 377 18.12 5.61 4.68
CA GLY A 377 18.79 5.85 5.95
C GLY A 377 17.95 5.38 7.13
N SER A 378 18.65 4.79 8.12
CA SER A 378 18.05 4.33 9.37
C SER A 378 17.03 3.23 9.15
N ARG A 379 17.21 2.43 8.09
CA ARG A 379 16.36 1.28 7.82
C ARG A 379 17.13 -0.05 7.92
N GLY A 380 18.41 -0.02 8.22
CA GLY A 380 19.17 -1.25 8.42
C GLY A 380 20.09 -1.55 7.24
N LYS A 381 21.04 -2.46 7.50
CA LYS A 381 21.98 -2.84 6.46
C LYS A 381 21.36 -3.76 5.42
N ILE A 382 20.43 -4.63 5.83
CA ILE A 382 20.01 -5.72 4.95
C ILE A 382 19.18 -5.20 3.78
N ILE A 383 18.22 -4.31 4.05
CA ILE A 383 17.44 -3.76 2.94
C ILE A 383 18.34 -2.96 2.01
N ASN A 384 19.34 -2.27 2.56
CA ASN A 384 20.23 -1.48 1.70
C ASN A 384 21.14 -2.39 0.89
N LYS A 385 21.65 -3.46 1.51
CA LYS A 385 22.48 -4.39 0.75
C LYS A 385 21.70 -5.02 -0.40
N LEU A 386 20.47 -5.45 -0.12
CA LEU A 386 19.66 -6.08 -1.16
C LEU A 386 19.22 -5.08 -2.21
N ASN A 387 18.91 -3.85 -1.81
CA ASN A 387 18.57 -2.82 -2.80
C ASN A 387 19.76 -2.56 -3.71
N ALA A 388 20.97 -2.41 -3.14
CA ALA A 388 22.17 -2.26 -3.94
C ALA A 388 22.41 -3.50 -4.80
N GLU A 389 22.13 -4.68 -4.26
CA GLU A 389 22.21 -5.91 -5.05
C GLU A 389 21.27 -5.85 -6.26
N SER A 390 20.02 -5.45 -6.04
CA SER A 390 19.07 -5.40 -7.13
C SER A 390 19.48 -4.38 -8.19
N LEU A 391 19.93 -3.20 -7.74
CA LEU A 391 20.42 -2.20 -8.69
C LEU A 391 21.59 -2.76 -9.51
N SER A 392 22.51 -3.48 -8.85
CA SER A 392 23.69 -3.99 -9.54
C SER A 392 23.31 -5.04 -10.57
N LYS A 393 22.59 -6.09 -10.15
CA LYS A 393 22.21 -7.16 -11.07
C LYS A 393 21.39 -6.63 -12.23
N THR A 394 20.53 -5.64 -11.99
CA THR A 394 19.70 -5.10 -13.07
C THR A 394 20.55 -4.35 -14.10
N LEU A 395 21.58 -3.62 -13.64
CA LEU A 395 22.38 -2.83 -14.57
C LEU A 395 23.50 -3.63 -15.22
N LYS A 396 23.79 -4.84 -14.74
CA LYS A 396 24.83 -5.67 -15.37
C LYS A 396 24.49 -5.97 -16.82
N ASN A 397 23.21 -6.18 -17.12
CA ASN A 397 22.76 -6.46 -18.48
C ASN A 397 22.33 -5.21 -19.23
N ILE A 398 22.91 -4.05 -18.89
CA ILE A 398 22.53 -2.76 -19.47
C ILE A 398 23.79 -2.03 -19.89
N GLU A 399 23.77 -1.47 -21.10
CA GLU A 399 24.89 -0.72 -21.64
C GLU A 399 24.64 0.77 -21.51
N ASN A 400 25.73 1.55 -21.41
CA ASN A 400 25.68 3.00 -21.36
C ASN A 400 24.89 3.52 -20.14
N TYR A 401 25.52 3.49 -18.97
CA TYR A 401 24.85 3.95 -17.76
C TYR A 401 25.88 4.54 -16.80
N GLU A 402 25.37 5.27 -15.81
CA GLU A 402 26.18 5.75 -14.70
C GLU A 402 25.32 5.83 -13.45
N VAL A 403 25.87 5.37 -12.34
CA VAL A 403 25.18 5.31 -11.05
C VAL A 403 25.72 6.42 -10.15
N VAL A 404 24.83 7.19 -9.54
CA VAL A 404 25.18 8.22 -8.56
C VAL A 404 24.46 7.88 -7.25
N ILE A 405 25.22 7.53 -6.22
CA ILE A 405 24.65 7.16 -4.91
C ILE A 405 24.75 8.36 -3.98
N THR A 406 23.69 8.59 -3.21
CA THR A 406 23.69 9.69 -2.26
C THR A 406 23.10 9.26 -0.92
N ASN A 407 23.57 9.92 0.14
CA ASN A 407 23.00 9.83 1.48
C ASN A 407 21.90 10.86 1.72
N SER A 408 21.82 11.89 0.87
CA SER A 408 20.85 12.98 1.02
C SER A 408 20.96 13.63 2.40
N ASP A 409 22.20 13.77 2.91
CA ASP A 409 22.41 14.30 4.26
C ASP A 409 21.82 15.69 4.43
N ASP A 410 21.73 16.44 3.33
CA ASP A 410 21.23 17.80 3.31
C ASP A 410 19.71 17.90 3.36
N VAL A 411 18.96 16.83 3.13
CA VAL A 411 17.52 17.02 3.00
C VAL A 411 16.69 16.07 3.86
N VAL A 412 17.32 15.11 4.54
CA VAL A 412 16.58 14.14 5.35
C VAL A 412 16.61 14.58 6.81
N ASP A 413 15.58 14.19 7.56
CA ASP A 413 15.56 14.43 8.99
C ASP A 413 16.32 13.31 9.70
N ASN A 414 16.39 13.42 11.04
CA ASN A 414 17.18 12.46 11.80
C ASN A 414 16.58 11.06 11.74
N LEU A 415 15.26 10.96 11.58
CA LEU A 415 14.61 9.67 11.43
C LEU A 415 15.00 8.96 10.13
N ASN A 416 15.56 9.67 9.15
CA ASN A 416 15.92 9.06 7.88
C ASN A 416 17.39 9.27 7.54
N LYS A 417 18.21 9.57 8.55
CA LYS A 417 19.62 9.79 8.33
C LYS A 417 20.32 8.47 8.01
N VAL A 418 21.23 8.52 7.04
CA VAL A 418 22.01 7.34 6.65
C VAL A 418 23.11 7.13 7.69
N LYS A 419 23.14 5.94 8.29
CA LYS A 419 24.19 5.59 9.23
C LYS A 419 25.41 5.07 8.51
N LYS A 420 26.54 5.04 9.22
CA LYS A 420 27.82 4.69 8.60
C LYS A 420 27.79 3.28 8.04
N GLU A 421 27.21 2.33 8.77
CA GLU A 421 27.22 0.95 8.29
C GLU A 421 26.32 0.76 7.07
N GLU A 422 25.24 1.56 6.98
CA GLU A 422 24.33 1.45 5.83
C GLU A 422 25.00 1.94 4.55
N GLU A 423 25.72 3.07 4.64
CA GLU A 423 26.43 3.57 3.46
C GLU A 423 27.51 2.58 3.02
N LYS A 424 28.23 1.98 3.97
CA LYS A 424 29.31 1.06 3.63
C LYS A 424 28.77 -0.16 2.89
N THR A 425 27.75 -0.82 3.45
CA THR A 425 27.23 -2.02 2.81
C THR A 425 26.65 -1.73 1.44
N PHE A 426 26.05 -0.56 1.25
CA PHE A 426 25.53 -0.21 -0.07
C PHE A 426 26.66 -0.03 -1.07
N LEU A 427 27.70 0.71 -0.70
CA LEU A 427 28.81 0.93 -1.61
C LEU A 427 29.67 -0.33 -1.76
N LYS A 428 29.78 -1.13 -0.70
CA LYS A 428 30.50 -2.39 -0.81
C LYS A 428 29.84 -3.32 -1.82
N THR A 429 28.50 -3.37 -1.81
CA THR A 429 27.77 -4.21 -2.76
C THR A 429 28.00 -3.72 -4.19
N LEU A 430 28.01 -2.40 -4.40
CA LEU A 430 28.18 -1.86 -5.73
C LEU A 430 29.53 -2.26 -6.33
N GLU A 431 30.61 -2.11 -5.56
CA GLU A 431 31.93 -2.45 -6.09
C GLU A 431 32.12 -3.95 -6.21
N LYS A 432 31.43 -4.72 -5.35
CA LYS A 432 31.47 -6.18 -5.48
C LYS A 432 30.96 -6.66 -6.84
N TYR A 433 30.05 -5.90 -7.46
CA TYR A 433 29.47 -6.28 -8.75
C TYR A 433 30.03 -5.46 -9.91
N ASN A 434 31.23 -4.88 -9.74
CA ASN A 434 31.90 -4.13 -10.80
C ASN A 434 31.06 -2.97 -11.31
N ILE A 435 30.21 -2.42 -10.45
CA ILE A 435 29.37 -1.29 -10.81
C ILE A 435 30.15 0.00 -10.59
N ASN A 436 30.38 0.74 -11.67
CA ASN A 436 31.05 2.03 -11.56
C ASN A 436 30.07 3.05 -11.00
N TYR A 437 30.42 3.68 -9.89
CA TYR A 437 29.52 4.58 -9.20
C TYR A 437 30.26 5.83 -8.73
N ARG A 438 29.53 6.93 -8.66
CA ARG A 438 29.95 8.13 -7.94
C ARG A 438 29.09 8.26 -6.70
N PHE A 439 29.69 8.72 -5.59
CA PHE A 439 29.00 8.89 -4.32
C PHE A 439 29.07 10.33 -3.85
N HIS A 440 28.01 10.79 -3.20
CA HIS A 440 27.94 12.14 -2.66
C HIS A 440 27.05 12.12 -1.43
N LYS A 441 27.50 12.75 -0.35
CA LYS A 441 26.69 12.81 0.85
C LYS A 441 25.43 13.62 0.63
N LYS A 442 25.50 14.66 -0.21
CA LYS A 442 24.41 15.60 -0.38
C LYS A 442 23.62 15.25 -1.64
N LEU A 443 22.29 15.34 -1.53
CA LEU A 443 21.45 15.14 -2.71
C LEU A 443 21.64 16.27 -3.72
N LYS A 444 21.78 17.51 -3.25
CA LYS A 444 22.00 18.63 -4.16
C LYS A 444 23.22 18.38 -5.04
N THR A 445 24.30 17.88 -4.46
CA THR A 445 25.53 17.62 -5.21
C THR A 445 25.34 16.47 -6.21
N ALA A 446 24.66 15.40 -5.78
CA ALA A 446 24.39 14.29 -6.70
C ALA A 446 23.60 14.75 -7.90
N LEU A 447 22.54 15.54 -7.67
CA LEU A 447 21.70 16.02 -8.76
C LEU A 447 22.46 16.98 -9.68
N GLU A 448 23.22 17.91 -9.09
CA GLU A 448 23.95 18.88 -9.90
C GLU A 448 24.99 18.18 -10.78
N GLU A 449 25.77 17.29 -10.19
CA GLU A 449 26.82 16.61 -10.96
C GLU A 449 26.21 15.81 -12.11
N THR A 450 25.05 15.20 -11.87
CA THR A 450 24.35 14.49 -12.93
C THR A 450 23.87 15.44 -14.02
N LEU A 451 23.30 16.57 -13.63
CA LEU A 451 22.75 17.50 -14.60
C LEU A 451 23.83 18.22 -15.41
N THR A 452 24.98 18.50 -14.81
CA THR A 452 26.04 19.21 -15.54
C THR A 452 26.83 18.28 -16.43
N ASN A 453 26.70 16.96 -16.26
CA ASN A 453 27.47 15.99 -17.01
C ASN A 453 26.66 15.21 -18.03
N CYS A 454 25.32 15.28 -17.97
CA CYS A 454 24.50 14.50 -18.86
C CYS A 454 24.26 15.22 -20.19
N LYS A 455 23.78 14.48 -21.17
CA LYS A 455 23.43 15.07 -22.46
C LYS A 455 21.92 15.27 -22.54
N LYS A 456 21.50 16.09 -23.50
CA LYS A 456 20.09 16.40 -23.68
C LYS A 456 19.23 15.14 -23.94
N ASP A 457 19.78 14.14 -24.64
CA ASP A 457 19.03 12.93 -24.95
C ASP A 457 19.27 11.81 -23.93
N ASP A 458 19.86 12.13 -22.79
CA ASP A 458 20.05 11.13 -21.76
C ASP A 458 18.76 10.95 -20.96
N THR A 459 18.79 9.96 -20.08
CA THR A 459 17.69 9.73 -19.15
C THR A 459 18.25 9.75 -17.73
N ILE A 460 17.58 10.47 -16.85
CA ILE A 460 17.95 10.51 -15.44
C ILE A 460 16.82 9.88 -14.66
N LEU A 461 17.10 8.78 -13.98
CA LEU A 461 16.15 8.11 -13.10
C LEU A 461 16.57 8.36 -11.66
N LEU A 462 15.68 8.97 -10.89
CA LEU A 462 15.86 9.18 -9.45
C LEU A 462 15.05 8.15 -8.70
N ILE A 463 15.70 7.35 -7.86
CA ILE A 463 15.01 6.33 -7.07
C ILE A 463 15.39 6.51 -5.61
N GLY A 464 14.47 6.15 -4.73
CA GLY A 464 14.70 6.20 -3.30
C GLY A 464 13.42 6.54 -2.56
N ALA A 465 13.49 6.42 -1.23
CA ALA A 465 12.35 6.71 -0.38
C ALA A 465 12.44 8.15 0.13
N GLN A 466 12.50 8.33 1.44
CA GLN A 466 12.57 9.69 2.01
C GLN A 466 13.80 10.44 1.50
N GLY A 467 14.89 9.73 1.19
CA GLY A 467 16.09 10.40 0.71
C GLY A 467 15.93 11.01 -0.66
N MET A 468 14.93 10.59 -1.43
CA MET A 468 14.69 11.12 -2.77
C MET A 468 13.40 11.94 -2.85
N ASP A 469 12.54 11.86 -1.84
CA ASP A 469 11.35 12.71 -1.80
C ASP A 469 11.64 14.18 -2.10
N PRO A 470 12.70 14.81 -1.58
CA PRO A 470 12.94 16.23 -1.86
C PRO A 470 13.53 16.54 -3.23
N ALA A 471 13.76 15.54 -4.08
CA ALA A 471 14.45 15.76 -5.35
C ALA A 471 13.71 16.78 -6.22
N SER A 472 12.41 16.60 -6.44
CA SER A 472 11.71 17.48 -7.38
C SER A 472 11.70 18.92 -6.88
N LYS A 473 11.55 19.11 -5.57
CA LYS A 473 11.59 20.46 -5.01
C LYS A 473 12.99 21.03 -5.10
N LEU A 474 14.01 20.20 -4.93
CA LEU A 474 15.39 20.68 -5.10
C LEU A 474 15.68 21.03 -6.54
N LEU A 475 15.21 20.21 -7.49
CA LEU A 475 15.44 20.48 -8.90
C LEU A 475 14.78 21.77 -9.36
N LYS A 476 13.76 22.23 -8.65
CA LYS A 476 13.15 23.52 -8.94
C LYS A 476 13.99 24.69 -8.42
N LYS A 477 14.64 24.50 -7.26
CA LYS A 477 15.50 25.54 -6.70
C LYS A 477 16.71 25.83 -7.59
N ILE A 478 17.23 24.80 -8.28
CA ILE A 478 18.37 24.99 -9.18
C ILE A 478 17.92 25.19 -10.63
N LYS A 479 16.62 25.41 -10.85
CA LYS A 479 16.09 25.88 -12.13
C LYS A 479 16.41 24.93 -13.28
N VAL A 480 16.13 23.65 -13.07
CA VAL A 480 16.20 22.68 -14.15
C VAL A 480 14.82 22.17 -14.54
N ILE A 481 13.82 22.34 -13.68
CA ILE A 481 12.41 22.15 -14.04
C ILE A 481 11.66 23.40 -13.58
N PRO A 482 10.71 23.93 -14.36
CA PRO A 482 10.29 23.42 -15.67
C PRO A 482 11.31 23.68 -16.78
N CYS A 483 11.69 22.62 -17.49
CA CYS A 483 12.64 22.72 -18.61
C CYS A 483 12.02 23.52 -19.76
N1 UDP B . -2.89 9.19 24.64
C2 UDP B . -2.18 9.04 26.04
N3 UDP B . -2.22 7.64 26.60
C4 UDP B . -2.87 6.54 25.89
C5 UDP B . -3.49 6.74 24.65
C6 UDP B . -3.51 8.05 24.01
O2 UDP B . -1.66 9.96 26.58
O4 UDP B . -2.88 5.45 26.38
C1' UDP B . -2.91 10.46 24.02
C2' UDP B . -1.70 10.50 22.85
O2' UDP B . -0.55 11.18 23.45
C3' UDP B . -2.15 11.15 21.86
C4' UDP B . -3.71 11.33 22.06
O4' UDP B . -4.03 10.68 23.43
O3' UDP B . -1.50 12.50 21.79
C5' UDP B . -4.43 10.72 21.05
O5' UDP B . -4.01 9.40 20.88
PA UDP B . -4.46 8.60 19.51
O1A UDP B . -4.38 7.11 19.74
O2A UDP B . -5.88 9.03 19.15
O3A UDP B . -3.44 9.06 18.29
PB UDP B . -1.79 8.94 18.33
O1B UDP B . -1.23 10.28 18.73
O2B UDP B . -1.40 7.88 19.33
O3B UDP B . -1.29 8.54 16.96
S SO4 C . 9.34 -1.83 2.23
O1 SO4 C . 8.79 -2.56 3.37
O2 SO4 C . 9.48 -0.42 2.59
O3 SO4 C . 10.62 -2.40 1.87
O4 SO4 C . 8.47 -1.96 1.06
S SO4 D . 2.37 0.11 -1.79
O1 SO4 D . 2.18 0.11 -0.36
O2 SO4 D . 3.72 0.57 -2.15
O3 SO4 D . 2.10 -1.20 -2.37
O4 SO4 D . 1.38 1.00 -2.36
S SO4 E . 29.19 15.94 -1.18
O1 SO4 E . 29.49 15.00 -0.10
O2 SO4 E . 29.46 17.32 -0.77
O3 SO4 E . 30.03 15.58 -2.34
O4 SO4 E . 27.78 15.86 -1.51
S SO4 F . 9.41 3.63 5.55
O1 SO4 F . 9.39 4.75 6.48
O2 SO4 F . 10.35 2.61 6.01
O3 SO4 F . 9.82 4.15 4.25
O4 SO4 F . 8.09 3.01 5.45
S SO4 G . 3.54 1.67 -7.98
O1 SO4 G . 3.39 1.84 -6.52
O2 SO4 G . 4.90 2.00 -8.38
O3 SO4 G . 3.23 0.27 -8.33
O4 SO4 G . 2.63 2.57 -8.68
#